data_5KI5
#
_entry.id   5KI5
#
loop_
_entity.id
_entity.type
_entity.pdbx_description
1 polymer "DNA (5'-D(*TP*TP*AP*GP*GP*CP*CP*TP*G)-3')"
2 polymer "DNA (5'-D(*CP*AP*GP*GP*CP*CP*TP*AP*A)-3')"
#
loop_
_entity_poly.entity_id
_entity_poly.type
_entity_poly.pdbx_seq_one_letter_code
_entity_poly.pdbx_strand_id
1 'polydeoxyribonucleotide' (DT)(DT)(DA)(DG)(DG)(DC)(DC)(DT)(DG) A
2 'polydeoxyribonucleotide' (DC)(DA)(DG)(DG)(DC)(DC)(DT)(DA)(DA) B
#
loop_
_chem_comp.id
_chem_comp.type
_chem_comp.name
_chem_comp.formula
DA DNA linking 2'-DEOXYADENOSINE-5'-MONOPHOSPHATE 'C10 H14 N5 O6 P'
DC DNA linking 2'-DEOXYCYTIDINE-5'-MONOPHOSPHATE 'C9 H14 N3 O7 P'
DG DNA linking 2'-DEOXYGUANOSINE-5'-MONOPHOSPHATE 'C10 H14 N5 O7 P'
DT DNA linking THYMIDINE-5'-MONOPHOSPHATE 'C10 H15 N2 O8 P'
#